data_2CZ2
#
_entry.id   2CZ2
#
_cell.length_a   49.967
_cell.length_b   152.134
_cell.length_c   57.051
_cell.angle_alpha   90.00
_cell.angle_beta   90.00
_cell.angle_gamma   90.00
#
_symmetry.space_group_name_H-M   'C 2 2 21'
#
loop_
_entity.id
_entity.type
_entity.pdbx_description
1 polymer 'Maleylacetoacetate isomerase'
2 non-polymer GLUTATHIONE
3 non-polymer GLYCEROL
4 water water
#
_entity_poly.entity_id   1
_entity_poly.type   'polypeptide(L)'
_entity_poly.pdbx_seq_one_letter_code
;GSSGSSG(MSE)QAGKPILYSYFRSSCSWRVRIALALKGIDYEIVPINLIKDGGQQFTEEFQTLNP(MSE)KQVPALKID
GITIVQSLAI(MSE)EYLEETRPIPRLLPQDPQKRAIVR(MSE)ISDLIASGIQPLQNLSVLKQVGQENQ(MSE)QWAQK
VITSGFNALEKILQSTAGKYCVGDEVS(MSE)ADVCLVPQVANAERFKVDLSPYPTISHINKELLALEVFQVSHPRRQPD
TPAELRT
;
_entity_poly.pdbx_strand_id   A
#
loop_
_chem_comp.id
_chem_comp.type
_chem_comp.name
_chem_comp.formula
GOL non-polymer GLYCEROL 'C3 H8 O3'
GSH non-polymer GLUTATHIONE 'C10 H17 N3 O6 S'
#
# COMPACT_ATOMS: atom_id res chain seq x y z
N GLY A 11 -17.26 -19.03 -3.35
CA GLY A 11 -15.84 -18.95 -3.83
C GLY A 11 -15.05 -17.99 -2.96
N LYS A 12 -13.74 -18.14 -2.97
CA LYS A 12 -12.83 -17.28 -2.24
C LYS A 12 -12.81 -15.88 -2.83
N PRO A 13 -12.50 -14.88 -2.01
CA PRO A 13 -12.30 -13.54 -2.54
C PRO A 13 -11.19 -13.55 -3.57
N ILE A 14 -11.28 -12.68 -4.59
CA ILE A 14 -10.30 -12.61 -5.67
C ILE A 14 -9.68 -11.22 -5.67
N LEU A 15 -8.38 -11.14 -5.47
CA LEU A 15 -7.67 -9.87 -5.52
C LEU A 15 -6.93 -9.73 -6.83
N TYR A 16 -7.18 -8.63 -7.51
CA TYR A 16 -6.45 -8.24 -8.70
C TYR A 16 -5.27 -7.39 -8.26
N SER A 17 -4.07 -7.89 -8.52
CA SER A 17 -2.85 -7.39 -7.91
C SER A 17 -1.72 -7.39 -8.90
N TYR A 18 -0.74 -6.51 -8.68
CA TYR A 18 0.56 -6.53 -9.33
C TYR A 18 1.63 -6.67 -8.26
N PHE A 19 2.66 -7.48 -8.49
CA PHE A 19 3.58 -7.82 -7.40
C PHE A 19 4.24 -6.62 -6.78
N ARG A 20 4.58 -5.65 -7.64
CA ARG A 20 5.36 -4.47 -7.24
C ARG A 20 4.49 -3.29 -6.78
N SER A 21 3.18 -3.41 -6.93
CA SER A 21 2.24 -2.33 -6.63
C SER A 21 2.15 -2.08 -5.14
N SER A 22 2.48 -0.87 -4.70
CA SER A 22 2.33 -0.51 -3.28
C SER A 22 0.88 -0.64 -2.80
N CYS A 23 -0.07 -0.19 -3.59
CA CYS A 23 -1.48 -0.21 -3.18
C CYS A 23 -2.00 -1.62 -3.06
N SER A 24 -1.52 -2.51 -3.94
CA SER A 24 -1.88 -3.91 -3.84
C SER A 24 -1.29 -4.55 -2.58
N TRP A 25 -0.02 -4.25 -2.29
CA TRP A 25 0.57 -4.76 -1.07
C TRP A 25 -0.27 -4.42 0.17
N ARG A 26 -0.74 -3.19 0.22
CA ARG A 26 -1.60 -2.79 1.34
C ARG A 26 -2.69 -3.79 1.60
N VAL A 27 -3.43 -4.10 0.54
CA VAL A 27 -4.57 -5.00 0.68
C VAL A 27 -4.14 -6.42 1.02
N ARG A 28 -3.04 -6.88 0.43
CA ARG A 28 -2.54 -8.21 0.77
C ARG A 28 -2.15 -8.30 2.24
N ILE A 29 -1.56 -7.25 2.80
CA ILE A 29 -1.29 -7.21 4.24
C ILE A 29 -2.57 -7.27 5.06
N ALA A 30 -3.58 -6.47 4.67
CA ALA A 30 -4.81 -6.48 5.45
C ALA A 30 -5.48 -7.87 5.40
N LEU A 31 -5.49 -8.49 4.22
CA LEU A 31 -6.14 -9.79 4.08
C LEU A 31 -5.41 -10.82 4.93
N ALA A 32 -4.08 -10.79 4.96
CA ALA A 32 -3.30 -11.66 5.84
C ALA A 32 -3.61 -11.41 7.32
N LEU A 33 -3.62 -10.14 7.68
CA LEU A 33 -3.97 -9.75 9.05
C LEU A 33 -5.30 -10.33 9.51
N LYS A 34 -6.31 -10.23 8.66
CA LYS A 34 -7.68 -10.71 8.96
C LYS A 34 -7.86 -12.19 8.74
N GLY A 35 -6.82 -12.90 8.30
CA GLY A 35 -6.86 -14.33 8.14
C GLY A 35 -7.73 -14.81 6.99
N ILE A 36 -7.93 -13.96 6.00
CA ILE A 36 -8.81 -14.23 4.88
C ILE A 36 -8.02 -14.93 3.77
N ASP A 37 -8.47 -16.13 3.43
CA ASP A 37 -7.85 -16.90 2.33
C ASP A 37 -8.41 -16.40 1.01
N TYR A 38 -7.54 -15.96 0.12
CA TYR A 38 -7.96 -15.34 -1.14
C TYR A 38 -7.13 -15.85 -2.28
N GLU A 39 -7.62 -15.60 -3.50
CA GLU A 39 -6.91 -15.92 -4.73
C GLU A 39 -6.45 -14.63 -5.36
N ILE A 40 -5.32 -14.67 -6.07
CA ILE A 40 -4.82 -13.52 -6.80
C ILE A 40 -4.92 -13.76 -8.29
N VAL A 41 -5.41 -12.73 -8.96
CA VAL A 41 -5.33 -12.63 -10.41
C VAL A 41 -4.29 -11.54 -10.71
N PRO A 42 -3.11 -11.92 -11.18
CA PRO A 42 -2.11 -10.89 -11.47
C PRO A 42 -2.49 -10.02 -12.66
N ILE A 43 -2.20 -8.72 -12.53
CA ILE A 43 -2.37 -7.73 -13.57
C ILE A 43 -1.00 -7.07 -13.79
N ASN A 44 -0.40 -7.33 -14.92
CA ASN A 44 0.93 -6.82 -15.21
C ASN A 44 0.86 -5.35 -15.65
N LEU A 45 1.34 -4.43 -14.81
CA LEU A 45 1.14 -3.01 -15.06
C LEU A 45 2.08 -2.40 -16.07
N ILE A 46 3.10 -3.15 -16.48
CA ILE A 46 4.16 -2.59 -17.33
C ILE A 46 4.27 -3.25 -18.70
N LYS A 47 4.02 -4.54 -18.79
CA LYS A 47 4.29 -5.28 -20.02
C LYS A 47 3.29 -4.89 -21.11
N ASP A 48 3.83 -4.56 -22.29
CA ASP A 48 3.03 -4.22 -23.46
C ASP A 48 2.07 -3.07 -23.17
N GLY A 49 2.55 -2.07 -22.44
CA GLY A 49 1.70 -0.95 -22.04
C GLY A 49 0.86 -1.12 -20.80
N GLY A 50 0.68 -2.35 -20.33
CA GLY A 50 -0.03 -2.61 -19.09
C GLY A 50 -1.38 -3.25 -19.32
N GLN A 51 -1.62 -4.32 -18.58
CA GLN A 51 -2.85 -5.09 -18.68
C GLN A 51 -4.05 -4.32 -18.10
N GLN A 52 -3.77 -3.31 -17.28
CA GLN A 52 -4.80 -2.48 -16.67
C GLN A 52 -5.58 -1.67 -17.74
N PHE A 53 -5.05 -1.59 -18.94
CA PHE A 53 -5.75 -0.90 -20.03
C PHE A 53 -6.61 -1.81 -20.89
N THR A 54 -6.61 -3.12 -20.62
CA THR A 54 -7.44 -4.04 -21.42
C THR A 54 -8.91 -3.73 -21.22
N GLU A 55 -9.73 -4.06 -22.20
CA GLU A 55 -11.15 -3.80 -22.10
C GLU A 55 -11.72 -4.52 -20.90
N GLU A 56 -11.26 -5.74 -20.66
CA GLU A 56 -11.77 -6.58 -19.60
C GLU A 56 -11.45 -5.95 -18.25
N PHE A 57 -10.21 -5.50 -18.06
CA PHE A 57 -9.88 -4.91 -16.78
C PHE A 57 -10.58 -3.55 -16.59
N GLN A 58 -10.73 -2.78 -17.66
CA GLN A 58 -11.47 -1.52 -17.61
C GLN A 58 -12.93 -1.69 -17.15
N THR A 59 -13.56 -2.83 -17.45
CA THR A 59 -14.94 -3.07 -16.97
C THR A 59 -14.94 -3.39 -15.47
N LEU A 60 -13.84 -3.98 -15.00
CA LEU A 60 -13.62 -4.27 -13.58
C LEU A 60 -13.36 -2.98 -12.80
N ASN A 61 -12.46 -2.17 -13.32
CA ASN A 61 -12.11 -0.88 -12.71
C ASN A 61 -11.86 0.18 -13.78
N PRO A 62 -12.84 1.03 -14.06
CA PRO A 62 -12.68 2.09 -15.06
C PRO A 62 -11.51 3.01 -14.79
N MSE A 63 -11.02 3.06 -13.55
CA MSE A 63 -9.87 3.87 -13.24
C MSE A 63 -8.51 3.25 -13.69
O MSE A 63 -7.48 3.91 -13.59
CB MSE A 63 -9.85 4.12 -11.74
CG MSE A 63 -9.17 5.32 -11.33
SE MSE A 63 -9.80 7.09 -12.02
CE MSE A 63 -8.58 7.90 -10.81
N LYS A 64 -8.55 2.00 -14.12
CA LYS A 64 -7.41 1.31 -14.73
C LYS A 64 -6.25 1.22 -13.72
N GLN A 65 -6.59 0.83 -12.50
CA GLN A 65 -5.61 0.67 -11.43
C GLN A 65 -5.88 -0.61 -10.66
N VAL A 66 -4.83 -1.13 -10.02
CA VAL A 66 -4.97 -2.16 -8.99
C VAL A 66 -4.72 -1.52 -7.64
N PRO A 67 -5.28 -2.07 -6.56
CA PRO A 67 -6.06 -3.31 -6.52
C PRO A 67 -7.53 -3.16 -6.80
N ALA A 68 -8.12 -4.31 -7.12
CA ALA A 68 -9.57 -4.53 -7.06
C ALA A 68 -9.81 -5.83 -6.32
N LEU A 69 -10.82 -5.86 -5.48
CA LEU A 69 -11.16 -7.05 -4.72
C LEU A 69 -12.61 -7.46 -4.96
N LYS A 70 -12.81 -8.68 -5.47
CA LYS A 70 -14.14 -9.31 -5.44
C LYS A 70 -14.34 -10.10 -4.15
N ILE A 71 -15.33 -9.71 -3.37
CA ILE A 71 -15.59 -10.28 -2.06
C ILE A 71 -17.08 -10.11 -1.76
N ASP A 72 -17.67 -11.13 -1.15
CA ASP A 72 -19.05 -11.09 -0.72
C ASP A 72 -20.02 -10.69 -1.84
N GLY A 73 -19.69 -11.04 -3.07
CA GLY A 73 -20.58 -10.77 -4.20
C GLY A 73 -20.49 -9.40 -4.82
N ILE A 74 -19.55 -8.57 -4.37
CA ILE A 74 -19.33 -7.25 -4.93
C ILE A 74 -17.89 -7.11 -5.36
N THR A 75 -17.63 -6.04 -6.11
CA THR A 75 -16.30 -5.66 -6.56
C THR A 75 -15.99 -4.30 -5.94
N ILE A 76 -14.92 -4.24 -5.19
CA ILE A 76 -14.48 -3.00 -4.58
C ILE A 76 -13.13 -2.58 -5.13
N VAL A 77 -13.01 -1.31 -5.49
CA VAL A 77 -11.74 -0.70 -5.86
C VAL A 77 -11.40 0.38 -4.82
N GLN A 78 -10.16 0.85 -4.88
CA GLN A 78 -9.55 1.80 -3.95
C GLN A 78 -9.10 1.08 -2.67
N SER A 79 -7.79 0.97 -2.50
CA SER A 79 -7.24 0.17 -1.43
C SER A 79 -7.78 0.56 -0.03
N LEU A 80 -7.94 1.86 0.25
CA LEU A 80 -8.45 2.24 1.55
C LEU A 80 -9.91 1.93 1.71
N ALA A 81 -10.69 2.03 0.63
CA ALA A 81 -12.08 1.63 0.70
C ALA A 81 -12.23 0.11 0.95
N ILE A 82 -11.38 -0.66 0.27
CA ILE A 82 -11.29 -2.10 0.51
C ILE A 82 -10.94 -2.41 1.96
N MSE A 83 -9.92 -1.75 2.49
CA MSE A 83 -9.49 -2.03 3.84
C MSE A 83 -10.55 -1.62 4.88
O MSE A 83 -10.76 -2.34 5.82
CB MSE A 83 -8.11 -1.37 4.12
CG MSE A 83 -7.01 -2.04 3.37
SE MSE A 83 -5.25 -1.48 3.91
CE MSE A 83 -5.28 0.17 3.26
N GLU A 84 -11.22 -0.51 4.66
CA GLU A 84 -12.35 -0.14 5.54
C GLU A 84 -13.49 -1.16 5.50
N TYR A 85 -13.77 -1.71 4.31
CA TYR A 85 -14.76 -2.79 4.18
C TYR A 85 -14.35 -4.04 4.96
N LEU A 86 -13.10 -4.44 4.79
CA LEU A 86 -12.58 -5.57 5.53
C LEU A 86 -12.64 -5.32 7.04
N GLU A 87 -12.33 -4.09 7.44
CA GLU A 87 -12.41 -3.72 8.88
C GLU A 87 -13.83 -3.84 9.43
N GLU A 88 -14.81 -3.38 8.67
CA GLU A 88 -16.18 -3.41 9.12
C GLU A 88 -16.77 -4.83 9.15
N THR A 89 -16.33 -5.71 8.26
CA THR A 89 -16.92 -7.03 8.12
C THR A 89 -16.15 -8.16 8.79
N ARG A 90 -14.86 -7.98 8.97
CA ARG A 90 -13.99 -8.94 9.68
C ARG A 90 -13.21 -8.17 10.73
N PRO A 91 -13.81 -7.93 11.88
CA PRO A 91 -13.27 -6.91 12.79
C PRO A 91 -11.88 -7.07 13.40
N ILE A 92 -11.46 -8.28 13.68
CA ILE A 92 -10.19 -8.52 14.37
C ILE A 92 -9.19 -9.21 13.44
N PRO A 93 -7.90 -8.90 13.52
CA PRO A 93 -7.33 -7.80 14.34
C PRO A 93 -7.73 -6.44 13.79
N ARG A 94 -7.90 -5.45 14.65
CA ARG A 94 -8.37 -4.13 14.23
C ARG A 94 -7.32 -3.37 13.44
N LEU A 95 -7.74 -2.84 12.30
CA LEU A 95 -6.95 -1.89 11.51
C LEU A 95 -7.14 -0.47 12.06
N LEU A 96 -8.24 -0.24 12.74
CA LEU A 96 -8.56 1.06 13.35
C LEU A 96 -8.93 0.85 14.82
N PRO A 97 -8.45 1.74 15.69
CA PRO A 97 -8.74 1.61 17.13
C PRO A 97 -10.18 2.01 17.45
N GLN A 98 -10.59 1.87 18.70
CA GLN A 98 -11.98 2.10 19.06
C GLN A 98 -12.29 3.58 19.28
N ASP A 99 -11.31 4.33 19.76
CA ASP A 99 -11.45 5.74 20.12
C ASP A 99 -11.50 6.58 18.82
N PRO A 100 -12.58 7.33 18.58
CA PRO A 100 -12.68 8.13 17.35
C PRO A 100 -11.52 9.09 17.19
N GLN A 101 -10.94 9.58 18.27
CA GLN A 101 -9.82 10.53 18.10
C GLN A 101 -8.55 9.83 17.60
N LYS A 102 -8.32 8.62 18.08
CA LYS A 102 -7.20 7.85 17.60
C LYS A 102 -7.46 7.32 16.21
N ARG A 103 -8.72 6.99 15.93
CA ARG A 103 -9.08 6.58 14.56
C ARG A 103 -8.75 7.69 13.56
N ALA A 104 -9.04 8.94 13.93
CA ALA A 104 -8.72 10.07 13.06
C ALA A 104 -7.24 10.18 12.76
N ILE A 105 -6.40 9.91 13.76
CA ILE A 105 -4.96 9.96 13.53
C ILE A 105 -4.51 8.85 12.58
N VAL A 106 -5.04 7.65 12.76
CA VAL A 106 -4.71 6.54 11.86
C VAL A 106 -5.15 6.88 10.45
N ARG A 107 -6.34 7.42 10.29
CA ARG A 107 -6.81 7.75 8.97
C ARG A 107 -6.00 8.92 8.37
N MSE A 108 -5.60 9.87 9.19
CA MSE A 108 -4.82 11.02 8.72
C MSE A 108 -3.51 10.55 8.08
O MSE A 108 -3.10 11.03 7.03
CB MSE A 108 -4.43 11.91 9.90
CG MSE A 108 -5.37 12.86 10.42
SE MSE A 108 -4.51 13.67 11.97
CE MSE A 108 -2.99 14.32 11.29
N ILE A 109 -2.82 9.66 8.78
CA ILE A 109 -1.54 9.16 8.31
C ILE A 109 -1.71 8.29 7.05
N SER A 110 -2.75 7.48 7.07
CA SER A 110 -3.05 6.63 5.91
C SER A 110 -3.32 7.49 4.68
N ASP A 111 -4.08 8.57 4.84
CA ASP A 111 -4.40 9.48 3.75
C ASP A 111 -3.19 10.33 3.32
N LEU A 112 -2.32 10.73 4.26
CA LEU A 112 -1.11 11.43 3.92
C LEU A 112 -0.34 10.58 2.90
N ILE A 113 -0.21 9.29 3.17
CA ILE A 113 0.48 8.38 2.27
C ILE A 113 -0.32 8.10 1.00
N ALA A 114 -1.57 7.72 1.16
CA ALA A 114 -2.36 7.22 0.06
C ALA A 114 -2.92 8.28 -0.87
N SER A 115 -3.11 9.50 -0.36
CA SER A 115 -3.54 10.65 -1.15
C SER A 115 -2.43 11.64 -1.37
N GLY A 116 -1.52 11.76 -0.41
CA GLY A 116 -0.51 12.84 -0.48
C GLY A 116 0.84 12.45 -1.08
N ILE A 117 1.16 11.15 -1.13
CA ILE A 117 2.44 10.70 -1.68
C ILE A 117 2.25 9.78 -2.89
N GLN A 118 1.60 8.64 -2.67
CA GLN A 118 1.52 7.59 -3.69
C GLN A 118 1.00 8.11 -5.03
N PRO A 119 -0.10 8.85 -5.09
CA PRO A 119 -0.62 9.21 -6.40
C PRO A 119 0.37 9.99 -7.26
N LEU A 120 1.28 10.76 -6.63
CA LEU A 120 2.19 11.62 -7.32
C LEU A 120 3.41 10.86 -7.81
N GLN A 121 3.59 9.61 -7.39
CA GLN A 121 4.68 8.74 -7.84
C GLN A 121 4.15 7.49 -8.55
N ASN A 122 2.86 7.50 -8.89
CA ASN A 122 2.24 6.40 -9.59
C ASN A 122 2.77 6.33 -11.03
N LEU A 123 2.74 5.12 -11.60
CA LEU A 123 3.27 4.82 -12.93
C LEU A 123 2.73 5.77 -13.98
N SER A 124 1.41 5.93 -14.06
CA SER A 124 0.82 6.78 -15.07
C SER A 124 1.25 8.24 -14.94
N VAL A 125 1.46 8.72 -13.73
CA VAL A 125 1.96 10.06 -13.50
C VAL A 125 3.43 10.19 -13.92
N LEU A 126 4.27 9.24 -13.51
CA LEU A 126 5.66 9.23 -13.93
C LEU A 126 5.79 9.18 -15.46
N LYS A 127 4.87 8.49 -16.14
CA LYS A 127 4.89 8.45 -17.61
C LYS A 127 4.62 9.82 -18.20
N GLN A 128 3.68 10.55 -17.62
CA GLN A 128 3.41 11.93 -18.03
C GLN A 128 4.54 12.92 -17.73
N VAL A 129 5.29 12.68 -16.66
CA VAL A 129 6.47 13.51 -16.34
C VAL A 129 7.57 13.31 -17.41
N GLY A 130 7.73 12.07 -17.83
CA GLY A 130 8.70 11.71 -18.84
C GLY A 130 9.95 11.08 -18.28
N GLN A 131 10.66 10.34 -19.11
CA GLN A 131 11.85 9.60 -18.69
C GLN A 131 12.91 10.51 -18.06
N GLU A 132 13.12 11.70 -18.59
CA GLU A 132 14.26 12.53 -18.12
C GLU A 132 14.08 13.04 -16.69
N ASN A 133 12.84 13.27 -16.30
CA ASN A 133 12.57 13.87 -15.00
C ASN A 133 11.86 12.97 -13.98
N GLN A 134 11.41 11.78 -14.38
CA GLN A 134 10.54 11.00 -13.46
C GLN A 134 11.20 10.57 -12.14
N MSE A 135 12.47 10.19 -12.19
CA MSE A 135 13.17 9.80 -11.01
C MSE A 135 13.23 10.92 -9.97
O MSE A 135 12.87 10.73 -8.79
CB MSE A 135 14.58 9.41 -11.37
CG MSE A 135 15.36 9.01 -10.17
SE MSE A 135 14.71 7.31 -9.48
CE MSE A 135 14.05 6.45 -11.10
N GLN A 136 13.71 12.08 -10.39
CA GLN A 136 13.80 13.24 -9.51
C GLN A 136 12.43 13.67 -8.98
N TRP A 137 11.43 13.58 -9.84
CA TRP A 137 10.06 13.89 -9.45
C TRP A 137 9.61 12.96 -8.31
N ALA A 138 9.80 11.66 -8.51
CA ALA A 138 9.37 10.69 -7.51
C ALA A 138 10.10 10.93 -6.18
N GLN A 139 11.39 11.20 -6.26
CA GLN A 139 12.18 11.47 -5.07
C GLN A 139 11.70 12.70 -4.32
N LYS A 140 11.37 13.75 -5.05
CA LYS A 140 10.86 14.98 -4.45
C LYS A 140 9.53 14.75 -3.73
N VAL A 141 8.60 14.04 -4.38
CA VAL A 141 7.31 13.77 -3.76
C VAL A 141 7.43 12.95 -2.49
N ILE A 142 8.29 11.95 -2.53
CA ILE A 142 8.47 11.07 -1.41
C ILE A 142 9.22 11.78 -0.29
N THR A 143 10.28 12.52 -0.60
CA THR A 143 11.01 13.21 0.46
C THR A 143 10.12 14.28 1.10
N SER A 144 9.30 14.98 0.32
CA SER A 144 8.42 15.99 0.88
C SER A 144 7.40 15.37 1.84
N GLY A 145 6.80 14.27 1.40
CA GLY A 145 5.85 13.53 2.22
C GLY A 145 6.48 12.96 3.49
N PHE A 146 7.66 12.37 3.36
CA PHE A 146 8.32 11.76 4.50
C PHE A 146 8.85 12.83 5.48
N ASN A 147 9.22 13.98 4.98
CA ASN A 147 9.60 15.10 5.87
C ASN A 147 8.42 15.37 6.82
N ALA A 148 7.22 15.44 6.26
CA ALA A 148 6.03 15.70 7.06
C ALA A 148 5.65 14.52 7.95
N LEU A 149 5.63 13.34 7.38
CA LEU A 149 5.24 12.15 8.10
C LEU A 149 6.17 11.90 9.31
N GLU A 150 7.47 12.05 9.11
CA GLU A 150 8.46 11.82 10.17
C GLU A 150 8.22 12.76 11.35
N LYS A 151 7.87 14.01 11.04
CA LYS A 151 7.49 14.97 12.09
C LYS A 151 6.21 14.54 12.82
N ILE A 152 5.15 14.17 12.09
CA ILE A 152 3.91 13.72 12.70
C ILE A 152 4.12 12.53 13.61
N LEU A 153 4.91 11.55 13.16
CA LEU A 153 5.12 10.32 13.95
C LEU A 153 5.78 10.61 15.29
N GLN A 154 6.51 11.72 15.39
CA GLN A 154 7.07 12.13 16.71
C GLN A 154 6.01 12.30 17.80
N SER A 155 4.81 12.69 17.41
CA SER A 155 3.71 12.83 18.35
C SER A 155 2.82 11.59 18.44
N THR A 156 2.76 10.78 17.39
CA THR A 156 1.78 9.72 17.34
C THR A 156 2.26 8.34 17.66
N ALA A 157 3.51 8.06 17.32
CA ALA A 157 3.99 6.67 17.32
C ALA A 157 4.33 6.14 18.68
N GLY A 158 3.95 4.90 18.94
CA GLY A 158 4.50 4.09 20.03
C GLY A 158 5.43 3.09 19.39
N LYS A 159 5.14 1.81 19.53
CA LYS A 159 5.85 0.75 18.83
C LYS A 159 5.59 0.87 17.32
N TYR A 160 4.43 1.39 16.95
CA TYR A 160 3.99 1.50 15.56
C TYR A 160 3.51 2.92 15.26
N CYS A 161 2.97 3.19 14.06
CA CYS A 161 2.72 4.56 13.67
C CYS A 161 1.79 5.32 14.63
N VAL A 162 0.81 4.64 15.19
CA VAL A 162 -0.12 5.22 16.11
C VAL A 162 -0.23 4.30 17.31
N GLY A 163 0.46 4.67 18.39
CA GLY A 163 0.50 3.85 19.58
C GLY A 163 1.19 2.51 19.40
N ASP A 164 0.66 1.49 20.09
CA ASP A 164 1.37 0.22 20.23
C ASP A 164 0.73 -0.96 19.51
N GLU A 165 -0.32 -0.72 18.72
CA GLU A 165 -1.02 -1.76 17.97
C GLU A 165 -0.87 -1.41 16.47
N VAL A 166 -0.68 -2.41 15.63
CA VAL A 166 -0.64 -2.23 14.19
C VAL A 166 -1.96 -1.65 13.72
N SER A 167 -1.90 -0.71 12.78
CA SER A 167 -3.10 -0.07 12.26
C SER A 167 -3.00 0.09 10.76
N MSE A 168 -4.05 0.60 10.14
CA MSE A 168 -4.00 0.91 8.73
C MSE A 168 -2.82 1.84 8.33
O MSE A 168 -2.33 1.72 7.23
CB MSE A 168 -5.35 1.50 8.28
CG MSE A 168 -5.52 1.60 6.77
SE MSE A 168 -7.35 1.95 6.26
CE MSE A 168 -7.45 3.63 7.06
N ALA A 169 -2.38 2.72 9.24
CA ALA A 169 -1.27 3.61 8.92
C ALA A 169 -0.01 2.78 8.66
N ASP A 170 0.23 1.76 9.45
CA ASP A 170 1.38 0.87 9.25
C ASP A 170 1.29 0.09 7.96
N VAL A 171 0.07 -0.34 7.63
CA VAL A 171 -0.18 -1.09 6.40
C VAL A 171 0.14 -0.20 5.21
N CYS A 172 -0.11 1.11 5.31
CA CYS A 172 0.30 2.04 4.25
C CYS A 172 1.79 2.40 4.29
N LEU A 173 2.36 2.44 5.48
CA LEU A 173 3.76 2.84 5.59
C LEU A 173 4.71 1.91 4.83
N VAL A 174 4.64 0.62 5.10
CA VAL A 174 5.64 -0.31 4.58
C VAL A 174 5.74 -0.30 3.05
N PRO A 175 4.62 -0.41 2.33
CA PRO A 175 4.73 -0.38 0.88
C PRO A 175 5.28 0.96 0.39
N GLN A 176 5.00 2.09 1.05
CA GLN A 176 5.53 3.36 0.56
C GLN A 176 7.03 3.50 0.83
N VAL A 177 7.48 2.93 1.94
CA VAL A 177 8.90 2.88 2.23
C VAL A 177 9.61 2.00 1.21
N ALA A 178 9.01 0.87 0.82
CA ALA A 178 9.65 0.03 -0.21
C ALA A 178 9.78 0.79 -1.52
N ASN A 179 8.76 1.60 -1.84
CA ASN A 179 8.86 2.46 -3.01
C ASN A 179 9.99 3.48 -2.88
N ALA A 180 10.12 4.09 -1.71
CA ALA A 180 11.20 5.01 -1.41
C ALA A 180 12.57 4.37 -1.69
N GLU A 181 12.73 3.11 -1.28
CA GLU A 181 13.97 2.36 -1.52
C GLU A 181 14.20 2.13 -3.00
N ARG A 182 13.14 1.79 -3.72
CA ARG A 182 13.23 1.55 -5.14
C ARG A 182 13.65 2.83 -5.89
N PHE A 183 13.17 3.98 -5.43
CA PHE A 183 13.52 5.27 -6.05
C PHE A 183 14.78 5.89 -5.45
N LYS A 184 15.51 5.12 -4.65
CA LYS A 184 16.83 5.54 -4.14
C LYS A 184 16.76 6.80 -3.27
N VAL A 185 15.71 6.89 -2.46
CA VAL A 185 15.59 7.97 -1.51
C VAL A 185 16.42 7.65 -0.29
N ASP A 186 17.19 8.62 0.14
CA ASP A 186 17.95 8.52 1.37
C ASP A 186 17.00 8.53 2.58
N LEU A 187 16.93 7.43 3.32
CA LEU A 187 16.05 7.33 4.50
C LEU A 187 16.74 7.71 5.82
N SER A 188 18.02 8.07 5.76
CA SER A 188 18.71 8.43 7.01
C SER A 188 18.06 9.58 7.82
N PRO A 189 17.44 10.62 7.23
CA PRO A 189 16.80 11.65 8.03
C PRO A 189 15.43 11.27 8.59
N TYR A 190 15.02 10.03 8.32
CA TYR A 190 13.72 9.50 8.78
C TYR A 190 13.94 8.29 9.68
N PRO A 191 14.55 8.51 10.85
CA PRO A 191 14.81 7.37 11.73
C PRO A 191 13.57 6.69 12.31
N THR A 192 12.48 7.43 12.50
CA THR A 192 11.27 6.85 13.08
C THR A 192 10.53 6.03 12.01
N ILE A 193 10.38 6.59 10.81
CA ILE A 193 9.84 5.82 9.69
C ILE A 193 10.68 4.55 9.51
N SER A 194 12.00 4.71 9.51
CA SER A 194 12.90 3.55 9.32
C SER A 194 12.74 2.47 10.38
N HIS A 195 12.71 2.88 11.64
CA HIS A 195 12.55 1.96 12.77
C HIS A 195 11.22 1.22 12.72
N ILE A 196 10.14 1.94 12.51
CA ILE A 196 8.82 1.33 12.46
C ILE A 196 8.74 0.36 11.26
N ASN A 197 9.30 0.79 10.12
CA ASN A 197 9.32 -0.08 8.95
C ASN A 197 9.99 -1.41 9.25
N LYS A 198 11.15 -1.37 9.91
CA LYS A 198 11.85 -2.60 10.28
C LYS A 198 11.04 -3.47 11.25
N GLU A 199 10.41 -2.84 12.23
CA GLU A 199 9.55 -3.58 13.16
C GLU A 199 8.39 -4.28 12.47
N LEU A 200 7.74 -3.61 11.53
CA LEU A 200 6.60 -4.20 10.81
C LEU A 200 7.04 -5.32 9.87
N LEU A 201 8.19 -5.14 9.21
CA LEU A 201 8.72 -6.17 8.31
C LEU A 201 9.09 -7.44 9.07
N ALA A 202 9.27 -7.37 10.38
CA ALA A 202 9.49 -8.59 11.18
C ALA A 202 8.23 -9.40 11.46
N LEU A 203 7.05 -8.88 11.08
CA LEU A 203 5.77 -9.57 11.29
C LEU A 203 5.42 -10.39 10.07
N GLU A 204 4.91 -11.59 10.32
CA GLU A 204 4.53 -12.51 9.25
C GLU A 204 3.58 -11.90 8.23
N VAL A 205 2.61 -11.10 8.67
CA VAL A 205 1.63 -10.57 7.72
C VAL A 205 2.21 -9.62 6.70
N PHE A 206 3.37 -9.01 7.01
CA PHE A 206 4.11 -8.17 6.03
C PHE A 206 5.09 -8.98 5.17
N GLN A 207 5.35 -10.23 5.55
CA GLN A 207 6.27 -11.09 4.81
C GLN A 207 5.52 -11.98 3.81
N VAL A 208 4.45 -12.63 4.26
CA VAL A 208 3.67 -13.50 3.38
C VAL A 208 3.08 -12.76 2.19
N SER A 209 2.90 -11.44 2.38
CA SER A 209 2.26 -10.56 1.43
C SER A 209 3.27 -9.84 0.55
N HIS A 210 4.54 -10.11 0.79
CA HIS A 210 5.64 -9.31 0.22
C HIS A 210 5.71 -9.40 -1.32
N PRO A 211 6.07 -8.30 -2.01
CA PRO A 211 6.32 -8.31 -3.47
C PRO A 211 7.19 -9.44 -4.01
N ARG A 212 8.15 -9.91 -3.23
CA ARG A 212 9.04 -10.98 -3.71
C ARG A 212 8.49 -12.40 -3.55
N ARG A 213 7.30 -12.51 -2.95
CA ARG A 213 6.63 -13.79 -2.72
C ARG A 213 5.24 -13.86 -3.36
N GLN A 214 5.11 -13.27 -4.55
CA GLN A 214 3.82 -13.16 -5.23
C GLN A 214 3.72 -14.14 -6.38
N PRO A 215 2.52 -14.47 -6.86
CA PRO A 215 2.38 -15.33 -8.04
C PRO A 215 3.15 -14.82 -9.25
N ASP A 216 3.11 -13.50 -9.41
CA ASP A 216 3.70 -12.82 -10.55
C ASP A 216 5.09 -12.19 -10.31
N THR A 217 5.73 -12.54 -9.20
CA THR A 217 7.10 -12.08 -9.00
C THR A 217 7.99 -12.66 -10.09
N PRO A 218 8.74 -11.83 -10.80
CA PRO A 218 9.70 -12.33 -11.79
C PRO A 218 10.74 -13.22 -11.12
N ALA A 219 11.10 -14.30 -11.80
CA ALA A 219 11.95 -15.32 -11.21
C ALA A 219 13.20 -14.71 -10.60
N GLU A 220 13.78 -13.73 -11.27
CA GLU A 220 15.03 -13.11 -10.83
C GLU A 220 14.90 -12.38 -9.47
N LEU A 221 13.68 -12.03 -9.10
CA LEU A 221 13.40 -11.36 -7.82
C LEU A 221 12.88 -12.24 -6.69
N ARG A 222 12.76 -13.54 -6.91
CA ARG A 222 12.26 -14.44 -5.87
C ARG A 222 13.40 -14.85 -4.91
N1 GSH B . -5.73 5.47 -4.57
CA1 GSH B . -5.51 4.17 -5.13
C1 GSH B . -5.76 3.02 -4.29
O11 GSH B . -6.25 1.81 -4.69
O12 GSH B . -5.31 3.20 -3.09
CB1 GSH B . -4.46 4.17 -6.25
CG1 GSH B . -4.35 2.88 -7.05
CD1 GSH B . -3.12 2.91 -7.90
OE1 GSH B . -2.50 4.10 -8.20
N2 GSH B . -2.59 1.78 -8.31
CA2 GSH B . -1.41 1.71 -9.14
C2 GSH B . -1.73 1.37 -10.55
O2 GSH B . -2.60 0.34 -10.81
CB2 GSH B . -0.54 0.60 -8.57
SG2 GSH B . 0.19 1.05 -6.98
N3 GSH B . -1.21 2.12 -11.50
CA3 GSH B . -1.54 1.77 -12.85
C3 GSH B . -1.04 2.87 -13.72
O31 GSH B . -1.23 2.78 -15.09
O32 GSH B . -0.48 3.90 -13.19
C1 GOL C . -3.87 2.04 16.97
O1 GOL C . -3.56 0.79 16.35
C2 GOL C . -3.66 1.91 18.48
O2 GOL C . -2.29 1.59 18.73
C3 GOL C . -4.04 3.23 19.18
O3 GOL C . -3.82 3.11 20.58
#